data_2QMQ
#
_entry.id   2QMQ
#
_cell.length_a   46.371
_cell.length_b   46.371
_cell.length_c   214.749
_cell.angle_alpha   90.00
_cell.angle_beta   90.00
_cell.angle_gamma   120.00
#
_symmetry.space_group_name_H-M   'P 31 2 1'
#
loop_
_entity.id
_entity.type
_entity.pdbx_description
1 polymer 'Protein NDRG2'
2 non-polymer 'MAGNESIUM ION'
3 non-polymer 'BENZOIC ACID'
4 non-polymer 'NONAETHYLENE GLYCOL'
5 water water
#
_entity_poly.entity_id   1
_entity_poly.type   'polypeptide(L)'
_entity_poly.pdbx_seq_one_letter_code
;MGSDKIHHHHHHTHSVETPYGSVTFTVYGTPKPKRPAIFTYHDVGLNYKSCFQPLFRFGDMQEIIQNFVRVHVDAPGMEE
GAPVFPLGYQYPSLDQLADMIPCILQYLNFSTIIGVGVGAGAYILSRYALNHPDTVEGLVLINIDPNAKGWMDWAAHKLT
GLTSSIPDMILGHLFSQEELSGNSELIQKYRGIIQHAPNLENIELYWNSYNNRRDLNFERGGETTLKCPVMLVVGDQAPH
EDAVVECNSKLDPTQTSFLKMADSGGQPQLTQPGKLTEAFKYFLQG
;
_entity_poly.pdbx_strand_id   A
#
# COMPACT_ATOMS: atom_id res chain seq x y z
N HIS A 9 17.56 7.42 -12.79
CA HIS A 9 16.18 7.36 -12.27
C HIS A 9 15.39 8.59 -12.72
N HIS A 10 15.28 8.78 -14.03
CA HIS A 10 14.49 9.92 -14.57
C HIS A 10 13.00 9.63 -14.45
N HIS A 11 12.26 10.67 -14.13
CA HIS A 11 10.83 10.53 -13.90
C HIS A 11 10.13 11.85 -14.17
N HIS A 12 8.80 11.81 -14.17
CA HIS A 12 7.98 13.00 -14.32
C HIS A 12 6.79 12.89 -13.43
N THR A 13 6.45 14.01 -12.79
CA THR A 13 5.46 14.06 -11.70
C THR A 13 4.24 14.84 -12.11
N HIS A 14 3.09 14.24 -11.85
CA HIS A 14 1.81 14.82 -12.23
C HIS A 14 0.86 14.84 -11.05
N SER A 15 -0.24 15.59 -11.18
CA SER A 15 -1.38 15.43 -10.28
C SER A 15 -2.69 15.55 -11.05
N VAL A 16 -3.74 15.00 -10.46
CA VAL A 16 -5.06 15.23 -10.95
C VAL A 16 -5.96 15.74 -9.86
N GLU A 17 -6.91 16.58 -10.27
CA GLU A 17 -7.93 17.13 -9.38
C GLU A 17 -9.09 16.14 -9.43
N THR A 18 -9.64 15.83 -8.27
CA THR A 18 -10.73 14.88 -8.18
C THR A 18 -11.78 15.49 -7.26
N PRO A 19 -12.95 14.86 -7.18
CA PRO A 19 -13.95 15.41 -6.29
C PRO A 19 -13.55 15.30 -4.83
N TYR A 20 -12.53 14.50 -4.51
CA TYR A 20 -12.07 14.45 -3.12
C TYR A 20 -10.70 15.06 -2.88
N GLY A 21 -10.19 15.83 -3.84
CA GLY A 21 -8.92 16.54 -3.65
C GLY A 21 -7.95 16.11 -4.75
N SER A 22 -6.73 16.61 -4.67
CA SER A 22 -5.72 16.34 -5.68
C SER A 22 -4.83 15.22 -5.23
N VAL A 23 -4.41 14.37 -6.16
CA VAL A 23 -3.53 13.27 -5.84
C VAL A 23 -2.36 13.34 -6.83
N THR A 24 -1.17 13.00 -6.35
CA THR A 24 0.09 13.13 -7.09
C THR A 24 0.56 11.75 -7.49
N PHE A 25 1.17 11.67 -8.66
CA PHE A 25 1.71 10.42 -9.16
C PHE A 25 2.95 10.65 -10.01
N THR A 26 3.91 9.74 -9.87
CA THR A 26 5.22 9.90 -10.49
C THR A 26 5.44 8.74 -11.45
N VAL A 27 5.85 9.07 -12.66
CA VAL A 27 5.97 8.07 -13.75
C VAL A 27 7.42 7.79 -14.06
N TYR A 28 7.78 6.52 -14.07
CA TYR A 28 9.11 6.07 -14.49
C TYR A 28 8.93 5.08 -15.64
N GLY A 29 9.94 5.04 -16.52
CA GLY A 29 9.90 4.23 -17.71
C GLY A 29 8.88 4.74 -18.72
N THR A 30 8.56 3.86 -19.68
CA THR A 30 7.64 4.20 -20.78
C THR A 30 6.62 3.09 -20.98
N PRO A 31 5.38 3.48 -21.33
CA PRO A 31 4.37 2.46 -21.58
C PRO A 31 4.67 1.70 -22.83
N LYS A 32 4.13 0.48 -22.88
CA LYS A 32 4.36 -0.38 -24.03
C LYS A 32 3.11 -1.11 -24.38
N PRO A 33 2.90 -1.34 -25.69
CA PRO A 33 1.62 -1.84 -26.21
C PRO A 33 1.11 -3.07 -25.52
N LYS A 34 1.96 -4.05 -25.30
CA LYS A 34 1.44 -5.31 -24.73
C LYS A 34 0.89 -5.21 -23.28
N ARG A 35 1.41 -4.26 -22.50
CA ARG A 35 1.81 -4.55 -21.13
C ARG A 35 1.13 -3.63 -20.16
N PRO A 36 0.80 -4.14 -18.98
CA PRO A 36 0.24 -3.30 -17.96
C PRO A 36 1.27 -2.39 -17.27
N ALA A 37 0.75 -1.32 -16.72
CA ALA A 37 1.55 -0.45 -15.89
C ALA A 37 1.66 -1.03 -14.52
N ILE A 38 2.83 -0.92 -13.91
CA ILE A 38 2.97 -1.26 -12.49
CA ILE A 38 2.98 -1.25 -12.49
C ILE A 38 2.54 0.00 -11.70
N PHE A 39 1.50 -0.14 -10.90
CA PHE A 39 0.84 1.02 -10.25
C PHE A 39 0.89 0.82 -8.75
N THR A 40 1.59 1.70 -8.03
CA THR A 40 1.82 1.49 -6.61
C THR A 40 1.08 2.45 -5.70
N TYR A 41 0.78 1.98 -4.49
CA TYR A 41 0.08 2.80 -3.49
C TYR A 41 0.65 2.45 -2.13
N HIS A 42 1.22 3.46 -1.49
CA HIS A 42 2.03 3.25 -0.29
C HIS A 42 1.16 3.20 1.01
N ASP A 43 1.82 2.87 2.11
CA ASP A 43 1.19 2.71 3.41
C ASP A 43 1.17 4.04 4.19
N VAL A 44 0.40 4.00 5.26
CA VAL A 44 0.30 5.12 6.22
C VAL A 44 1.66 5.41 6.82
N GLY A 45 2.05 6.67 6.73
CA GLY A 45 3.28 7.18 7.27
C GLY A 45 4.38 7.34 6.25
N LEU A 46 4.22 6.68 5.09
CA LEU A 46 5.21 6.69 4.05
C LEU A 46 4.72 7.47 2.85
N ASN A 47 5.60 7.57 1.86
CA ASN A 47 5.18 7.99 0.53
C ASN A 47 5.82 7.03 -0.46
N TYR A 48 5.71 7.28 -1.76
CA TYR A 48 6.19 6.25 -2.69
C TYR A 48 7.68 5.97 -2.52
N LYS A 49 8.47 6.99 -2.21
CA LYS A 49 9.93 6.78 -2.09
C LYS A 49 10.28 6.00 -0.82
N SER A 50 9.76 6.42 0.33
CA SER A 50 10.06 5.68 1.57
C SER A 50 9.41 4.33 1.63
N CYS A 51 8.34 4.09 0.89
CA CYS A 51 7.72 2.77 0.86
C CYS A 51 8.30 1.81 -0.20
N PHE A 52 8.61 2.32 -1.38
CA PHE A 52 8.95 1.47 -2.53
C PHE A 52 10.35 1.64 -3.13
N GLN A 53 11.06 2.74 -2.83
CA GLN A 53 12.39 2.91 -3.47
C GLN A 53 13.34 1.78 -3.13
N PRO A 54 13.43 1.36 -1.83
CA PRO A 54 14.38 0.28 -1.58
C PRO A 54 14.15 -0.98 -2.40
N LEU A 55 12.89 -1.31 -2.71
CA LEU A 55 12.60 -2.48 -3.51
C LEU A 55 12.84 -2.17 -4.96
N PHE A 56 12.25 -1.06 -5.44
CA PHE A 56 12.21 -0.79 -6.88
C PHE A 56 13.57 -0.44 -7.43
N ARG A 57 14.45 0.07 -6.59
CA ARG A 57 15.78 0.41 -7.06
C ARG A 57 16.84 -0.63 -6.66
N PHE A 58 16.41 -1.71 -6.00
CA PHE A 58 17.23 -2.89 -5.79
C PHE A 58 17.71 -3.37 -7.14
N GLY A 59 19.00 -3.65 -7.27
CA GLY A 59 19.56 -3.95 -8.58
C GLY A 59 18.84 -5.05 -9.33
N ASP A 60 18.57 -6.16 -8.68
CA ASP A 60 17.86 -7.27 -9.36
C ASP A 60 16.41 -6.95 -9.71
N MET A 61 15.77 -6.06 -8.95
CA MET A 61 14.43 -5.61 -9.27
C MET A 61 14.45 -4.69 -10.47
N GLN A 62 15.43 -3.78 -10.54
CA GLN A 62 15.58 -2.90 -11.70
C GLN A 62 15.57 -3.73 -13.00
N GLU A 63 16.27 -4.87 -12.98
CA GLU A 63 16.33 -5.78 -14.11
C GLU A 63 14.94 -6.29 -14.45
N ILE A 64 14.19 -6.68 -13.43
CA ILE A 64 12.86 -7.28 -13.59
C ILE A 64 11.85 -6.23 -14.08
N ILE A 65 11.98 -4.98 -13.63
CA ILE A 65 10.88 -4.03 -13.92
C ILE A 65 11.21 -2.96 -14.94
N GLN A 66 12.44 -3.02 -15.43
CA GLN A 66 12.95 -1.95 -16.33
C GLN A 66 12.08 -1.59 -17.55
N ASN A 67 11.39 -2.60 -18.10
CA ASN A 67 10.64 -2.42 -19.33
C ASN A 67 9.16 -2.12 -19.08
N PHE A 68 8.76 -2.08 -17.79
CA PHE A 68 7.41 -1.67 -17.39
C PHE A 68 7.40 -0.18 -17.17
N VAL A 69 6.28 0.46 -17.50
CA VAL A 69 6.06 1.80 -16.98
C VAL A 69 5.59 1.64 -15.52
N ARG A 70 6.06 2.53 -14.64
CA ARG A 70 5.69 2.51 -13.25
C ARG A 70 4.99 3.83 -12.92
N VAL A 71 3.88 3.72 -12.21
CA VAL A 71 3.07 4.89 -11.78
C VAL A 71 3.00 4.79 -10.29
N HIS A 72 3.69 5.72 -9.59
CA HIS A 72 3.77 5.67 -8.12
C HIS A 72 2.93 6.73 -7.52
N VAL A 73 1.88 6.34 -6.84
CA VAL A 73 0.97 7.34 -6.23
C VAL A 73 1.46 7.82 -4.89
N ASP A 74 1.32 9.14 -4.66
CA ASP A 74 1.44 9.74 -3.32
C ASP A 74 0.05 10.14 -2.89
N ALA A 75 -0.44 9.60 -1.79
CA ALA A 75 -1.77 9.95 -1.34
C ALA A 75 -1.81 11.44 -1.05
N PRO A 76 -3.01 12.04 -1.08
CA PRO A 76 -3.09 13.46 -0.87
C PRO A 76 -2.40 13.87 0.44
N GLY A 77 -1.57 14.89 0.35
CA GLY A 77 -0.81 15.40 1.47
C GLY A 77 0.42 14.62 1.87
N MET A 78 0.77 13.57 1.10
CA MET A 78 1.93 12.75 1.40
C MET A 78 3.07 12.97 0.44
N GLU A 79 2.80 13.69 -0.67
CA GLU A 79 3.84 14.00 -1.64
C GLU A 79 4.95 14.84 -1.02
N GLU A 80 6.16 14.70 -1.54
CA GLU A 80 7.27 15.49 -1.06
CA GLU A 80 7.29 15.50 -1.07
C GLU A 80 6.88 16.97 -1.09
N GLY A 81 7.04 17.65 0.04
CA GLY A 81 6.74 19.11 0.08
C GLY A 81 5.28 19.46 0.34
N ALA A 82 4.42 18.46 0.57
CA ALA A 82 2.98 18.70 0.78
C ALA A 82 2.77 19.73 1.86
N PRO A 83 1.87 20.69 1.61
CA PRO A 83 1.40 21.54 2.68
C PRO A 83 0.64 20.70 3.72
N VAL A 84 0.63 21.19 4.93
CA VAL A 84 -0.15 20.57 5.98
C VAL A 84 -1.54 21.08 5.88
N PHE A 85 -2.51 20.19 5.67
CA PHE A 85 -3.90 20.57 5.63
C PHE A 85 -4.30 21.28 6.94
N PRO A 86 -5.17 22.32 6.87
CA PRO A 86 -5.59 23.00 8.10
C PRO A 86 -6.41 22.06 8.96
N LEU A 87 -6.25 22.17 10.28
CA LEU A 87 -6.99 21.32 11.23
C LEU A 87 -8.47 21.45 10.95
N GLY A 88 -9.16 20.32 10.88
CA GLY A 88 -10.57 20.33 10.54
C GLY A 88 -10.78 19.79 9.13
N TYR A 89 -9.72 19.77 8.32
CA TYR A 89 -9.80 19.22 6.98
C TYR A 89 -10.34 17.81 6.99
N GLN A 90 -11.28 17.52 6.10
CA GLN A 90 -11.84 16.18 6.04
CA GLN A 90 -11.87 16.19 6.00
C GLN A 90 -11.11 15.37 4.97
N TYR A 91 -10.31 14.44 5.42
CA TYR A 91 -9.48 13.67 4.54
C TYR A 91 -10.33 12.57 3.87
N PRO A 92 -10.02 12.23 2.62
CA PRO A 92 -10.75 11.16 1.97
C PRO A 92 -10.76 9.86 2.74
N SER A 93 -11.89 9.15 2.68
CA SER A 93 -11.97 7.77 3.13
C SER A 93 -11.10 6.87 2.20
N LEU A 94 -10.82 5.65 2.62
CA LEU A 94 -10.02 4.76 1.77
C LEU A 94 -10.83 4.52 0.51
N ASP A 95 -12.14 4.44 0.62
CA ASP A 95 -12.95 4.21 -0.58
C ASP A 95 -12.85 5.38 -1.54
N GLN A 96 -12.85 6.60 -0.98
CA GLN A 96 -12.70 7.79 -1.79
C GLN A 96 -11.29 7.85 -2.45
N LEU A 97 -10.26 7.38 -1.75
CA LEU A 97 -8.93 7.35 -2.32
C LEU A 97 -8.90 6.37 -3.49
N ALA A 98 -9.60 5.23 -3.37
CA ALA A 98 -9.70 4.29 -4.49
C ALA A 98 -10.45 4.93 -5.65
N ASP A 99 -11.43 5.79 -5.36
CA ASP A 99 -12.21 6.43 -6.40
C ASP A 99 -11.46 7.50 -7.17
N MET A 100 -10.25 7.86 -6.72
CA MET A 100 -9.38 8.79 -7.48
CA MET A 100 -9.38 8.81 -7.44
C MET A 100 -8.58 8.10 -8.56
N ILE A 101 -8.40 6.79 -8.41
CA ILE A 101 -7.58 6.05 -9.35
C ILE A 101 -8.06 6.11 -10.78
N PRO A 102 -9.38 5.97 -11.02
CA PRO A 102 -9.81 6.15 -12.41
C PRO A 102 -9.39 7.49 -13.00
N CYS A 103 -9.38 8.57 -12.19
CA CYS A 103 -8.90 9.86 -12.72
C CYS A 103 -7.44 9.86 -13.16
N ILE A 104 -6.59 9.20 -12.39
CA ILE A 104 -5.18 9.09 -12.70
C ILE A 104 -5.01 8.31 -13.98
N LEU A 105 -5.69 7.17 -14.07
CA LEU A 105 -5.54 6.28 -15.23
C LEU A 105 -6.12 6.88 -16.49
N GLN A 106 -7.20 7.63 -16.33
CA GLN A 106 -7.79 8.37 -17.44
C GLN A 106 -6.86 9.46 -17.95
N TYR A 107 -6.23 10.19 -17.05
CA TYR A 107 -5.25 11.23 -17.43
C TYR A 107 -4.09 10.65 -18.24
N LEU A 108 -3.61 9.48 -17.81
CA LEU A 108 -2.50 8.79 -18.47
C LEU A 108 -2.95 7.97 -19.70
N ASN A 109 -4.24 7.71 -19.78
CA ASN A 109 -4.80 6.74 -20.72
C ASN A 109 -4.14 5.37 -20.64
N PHE A 110 -4.03 4.85 -19.41
CA PHE A 110 -3.50 3.51 -19.14
C PHE A 110 -4.67 2.65 -18.72
N SER A 111 -4.98 1.67 -19.56
CA SER A 111 -6.18 0.85 -19.41
CA SER A 111 -6.18 0.86 -19.40
C SER A 111 -6.02 -0.36 -18.49
N THR A 112 -4.77 -0.77 -18.24
CA THR A 112 -4.46 -1.96 -17.40
C THR A 112 -3.29 -1.73 -16.45
N ILE A 113 -3.43 -2.27 -15.24
CA ILE A 113 -2.37 -2.17 -14.23
C ILE A 113 -2.15 -3.48 -13.55
N ILE A 114 -0.94 -3.59 -12.97
CA ILE A 114 -0.66 -4.54 -11.93
CA ILE A 114 -0.60 -4.56 -11.94
C ILE A 114 -0.47 -3.67 -10.70
N GLY A 115 -1.35 -3.85 -9.73
CA GLY A 115 -1.31 -2.99 -8.55
C GLY A 115 -0.34 -3.57 -7.52
N VAL A 116 0.45 -2.73 -6.87
CA VAL A 116 1.36 -3.13 -5.77
C VAL A 116 1.04 -2.17 -4.62
N GLY A 117 0.45 -2.69 -3.53
CA GLY A 117 0.17 -1.88 -2.35
C GLY A 117 0.68 -2.43 -1.05
N VAL A 118 0.96 -1.53 -0.10
CA VAL A 118 1.37 -1.95 1.24
C VAL A 118 0.37 -1.39 2.24
N GLY A 119 -0.19 -2.26 3.06
CA GLY A 119 -1.06 -1.83 4.16
C GLY A 119 -2.30 -1.14 3.65
N ALA A 120 -2.50 0.12 4.08
CA ALA A 120 -3.61 0.91 3.55
C ALA A 120 -3.63 0.98 2.01
N GLY A 121 -2.47 1.05 1.38
CA GLY A 121 -2.33 1.03 -0.05
C GLY A 121 -2.87 -0.24 -0.68
N ALA A 122 -2.62 -1.36 0.01
CA ALA A 122 -3.15 -2.67 -0.44
C ALA A 122 -4.66 -2.72 -0.38
N TYR A 123 -5.24 -2.13 0.67
CA TYR A 123 -6.71 -2.03 0.75
C TYR A 123 -7.25 -1.20 -0.37
N ILE A 124 -6.65 -0.04 -0.59
CA ILE A 124 -7.08 0.91 -1.61
C ILE A 124 -7.08 0.27 -2.99
N LEU A 125 -5.99 -0.40 -3.33
CA LEU A 125 -5.89 -1.06 -4.66
C LEU A 125 -6.86 -2.23 -4.79
N SER A 126 -7.09 -2.96 -3.71
CA SER A 126 -8.09 -4.05 -3.69
C SER A 126 -9.49 -3.51 -3.93
N ARG A 127 -9.81 -2.39 -3.31
CA ARG A 127 -11.09 -1.73 -3.53
C ARG A 127 -11.21 -1.28 -4.98
N TYR A 128 -10.16 -0.66 -5.52
CA TYR A 128 -10.11 -0.28 -6.93
C TYR A 128 -10.39 -1.47 -7.84
N ALA A 129 -9.74 -2.59 -7.56
CA ALA A 129 -9.88 -3.79 -8.38
C ALA A 129 -11.28 -4.33 -8.34
N LEU A 130 -11.91 -4.32 -7.17
CA LEU A 130 -13.30 -4.73 -7.09
C LEU A 130 -14.21 -3.78 -7.89
N ASN A 131 -13.90 -2.49 -7.89
CA ASN A 131 -14.69 -1.50 -8.62
C ASN A 131 -14.49 -1.56 -10.16
N HIS A 132 -13.26 -1.85 -10.61
CA HIS A 132 -12.91 -1.84 -12.04
C HIS A 132 -12.07 -3.06 -12.42
N PRO A 133 -12.64 -4.26 -12.28
CA PRO A 133 -11.85 -5.47 -12.42
C PRO A 133 -11.24 -5.69 -13.80
N ASP A 134 -11.87 -5.13 -14.81
CA ASP A 134 -11.38 -5.28 -16.20
C ASP A 134 -10.12 -4.47 -16.48
N THR A 135 -9.66 -3.69 -15.50
CA THR A 135 -8.43 -2.87 -15.62
C THR A 135 -7.24 -3.39 -14.80
N VAL A 136 -7.46 -4.49 -14.08
CA VAL A 136 -6.45 -5.01 -13.16
C VAL A 136 -6.05 -6.41 -13.58
N GLU A 137 -4.82 -6.55 -14.03
CA GLU A 137 -4.25 -7.82 -14.43
C GLU A 137 -3.64 -8.62 -13.29
N GLY A 138 -3.39 -7.98 -12.16
CA GLY A 138 -2.95 -8.65 -10.97
C GLY A 138 -2.72 -7.67 -9.85
N LEU A 139 -2.60 -8.21 -8.66
CA LEU A 139 -2.34 -7.42 -7.47
C LEU A 139 -1.27 -8.09 -6.61
N VAL A 140 -0.35 -7.29 -6.14
CA VAL A 140 0.61 -7.70 -5.09
C VAL A 140 0.19 -6.91 -3.83
N LEU A 141 -0.30 -7.65 -2.82
CA LEU A 141 -0.89 -7.06 -1.63
C LEU A 141 -0.02 -7.42 -0.44
N ILE A 142 0.68 -6.42 0.04
CA ILE A 142 1.55 -6.57 1.23
C ILE A 142 0.80 -6.04 2.45
N ASN A 143 0.70 -6.88 3.48
CA ASN A 143 0.03 -6.50 4.73
C ASN A 143 -1.43 -6.11 4.58
N ILE A 144 -2.14 -6.71 3.64
CA ILE A 144 -3.56 -6.39 3.42
C ILE A 144 -4.42 -6.83 4.60
N ASP A 145 -5.25 -5.92 5.12
CA ASP A 145 -6.19 -6.26 6.20
C ASP A 145 -7.52 -5.67 5.75
N PRO A 146 -8.39 -6.50 5.17
CA PRO A 146 -9.59 -5.95 4.58
C PRO A 146 -10.76 -5.73 5.55
N ASN A 147 -10.59 -6.08 6.81
CA ASN A 147 -11.68 -6.02 7.77
C ASN A 147 -11.76 -4.68 8.52
N ALA A 148 -12.96 -4.14 8.62
CA ALA A 148 -13.22 -3.02 9.51
C ALA A 148 -12.87 -3.42 10.94
N LYS A 149 -12.54 -2.43 11.74
CA LYS A 149 -12.32 -2.68 13.18
C LYS A 149 -13.69 -2.97 13.78
N GLY A 150 -13.80 -4.03 14.57
CA GLY A 150 -14.96 -4.22 15.41
C GLY A 150 -14.83 -3.46 16.73
N TRP A 151 -15.82 -3.61 17.62
CA TRP A 151 -15.80 -2.97 18.95
C TRP A 151 -14.51 -3.26 19.67
N MET A 152 -14.13 -4.53 19.64
CA MET A 152 -12.97 -4.93 20.38
C MET A 152 -11.66 -4.45 19.76
N ASP A 153 -11.61 -4.33 18.44
CA ASP A 153 -10.43 -3.78 17.79
C ASP A 153 -10.31 -2.32 18.19
N TRP A 154 -11.43 -1.62 18.23
CA TRP A 154 -11.44 -0.25 18.74
C TRP A 154 -11.00 -0.13 20.17
N ALA A 155 -11.47 -1.06 21.01
CA ALA A 155 -11.04 -1.10 22.42
C ALA A 155 -9.53 -1.20 22.50
N ALA A 156 -8.94 -2.14 21.76
CA ALA A 156 -7.49 -2.36 21.80
C ALA A 156 -6.73 -1.13 21.31
N HIS A 157 -7.22 -0.55 20.24
CA HIS A 157 -6.64 0.67 19.67
C HIS A 157 -6.64 1.80 20.69
N LYS A 158 -7.78 2.05 21.30
CA LYS A 158 -7.93 3.16 22.25
C LYS A 158 -7.09 2.94 23.49
N LEU A 159 -7.08 1.72 24.01
CA LEU A 159 -6.23 1.44 25.16
C LEU A 159 -4.79 1.67 24.85
N THR A 160 -4.33 1.19 23.70
CA THR A 160 -2.92 1.41 23.32
C THR A 160 -2.62 2.89 23.25
N GLY A 161 -3.58 3.67 22.73
CA GLY A 161 -3.42 5.12 22.58
C GLY A 161 -3.32 5.91 23.86
N LEU A 162 -3.71 5.30 24.98
CA LEU A 162 -3.46 5.93 26.26
C LEU A 162 -1.99 6.11 26.57
N THR A 163 -1.14 5.20 26.08
CA THR A 163 0.28 5.25 26.43
C THR A 163 1.19 5.38 25.22
N SER A 164 0.60 5.43 24.02
CA SER A 164 1.35 5.58 22.78
C SER A 164 0.91 6.83 22.03
N SER A 165 1.87 7.57 21.49
CA SER A 165 1.54 8.68 20.63
C SER A 165 1.03 8.20 19.26
N ILE A 166 0.48 9.12 18.49
CA ILE A 166 0.10 8.80 17.12
C ILE A 166 1.28 8.26 16.31
N PRO A 167 2.41 8.96 16.28
CA PRO A 167 3.54 8.38 15.58
C PRO A 167 3.97 6.97 16.07
N ASP A 168 3.96 6.76 17.38
CA ASP A 168 4.23 5.44 17.95
C ASP A 168 3.29 4.40 17.35
N MET A 169 2.01 4.75 17.27
CA MET A 169 1.03 3.78 16.80
C MET A 169 1.15 3.51 15.31
N ILE A 170 1.53 4.52 14.52
CA ILE A 170 1.77 4.33 13.09
C ILE A 170 2.99 3.45 12.88
N LEU A 171 4.06 3.66 13.67
CA LEU A 171 5.23 2.78 13.60
C LEU A 171 4.85 1.35 13.96
N GLY A 172 3.90 1.18 14.87
CA GLY A 172 3.44 -0.15 15.25
C GLY A 172 2.53 -0.82 14.22
N HIS A 173 1.94 -0.02 13.36
CA HIS A 173 1.23 -0.51 12.20
C HIS A 173 2.19 -0.99 11.13
N LEU A 174 3.32 -0.30 11.00
CA LEU A 174 4.35 -0.62 10.01
C LEU A 174 5.32 -1.75 10.42
N PHE A 175 5.73 -1.80 11.69
CA PHE A 175 6.79 -2.71 12.14
C PHE A 175 6.34 -3.45 13.37
N SER A 176 6.92 -4.62 13.60
CA SER A 176 6.59 -5.38 14.82
C SER A 176 7.19 -4.69 16.04
N GLN A 177 6.59 -4.91 17.20
CA GLN A 177 7.14 -4.35 18.46
C GLN A 177 8.56 -4.86 18.69
N GLU A 178 8.85 -6.08 18.28
CA GLU A 178 10.19 -6.64 18.39
C GLU A 178 11.19 -5.83 17.57
N GLU A 179 10.81 -5.44 16.36
CA GLU A 179 11.68 -4.64 15.52
C GLU A 179 11.91 -3.29 16.15
N LEU A 180 10.85 -2.71 16.68
CA LEU A 180 10.92 -1.36 17.19
C LEU A 180 11.82 -1.28 18.43
N SER A 181 11.85 -2.38 19.16
CA SER A 181 12.71 -2.53 20.33
C SER A 181 14.17 -2.73 20.00
N GLY A 182 14.44 -3.20 18.79
CA GLY A 182 15.77 -3.69 18.45
C GLY A 182 16.68 -2.64 17.86
N ASN A 183 16.12 -1.45 17.61
CA ASN A 183 16.89 -0.33 17.04
C ASN A 183 17.99 -0.67 15.95
N SER A 184 17.63 -1.51 15.00
CA SER A 184 18.38 -1.62 13.74
C SER A 184 18.47 -0.26 13.05
N GLU A 185 19.42 -0.07 12.13
CA GLU A 185 19.55 1.20 11.39
C GLU A 185 18.25 1.53 10.62
N LEU A 186 17.60 0.52 10.08
CA LEU A 186 16.35 0.73 9.34
C LEU A 186 15.27 1.30 10.24
N ILE A 187 15.09 0.68 11.39
CA ILE A 187 14.06 1.13 12.34
CA ILE A 187 14.05 1.14 12.33
C ILE A 187 14.38 2.54 12.85
N GLN A 188 15.64 2.80 13.14
CA GLN A 188 16.04 4.14 13.55
C GLN A 188 15.72 5.17 12.46
N LYS A 189 16.00 4.83 11.21
CA LYS A 189 15.70 5.72 10.10
C LYS A 189 14.23 5.98 9.98
N TYR A 190 13.42 4.92 10.00
CA TYR A 190 11.96 5.05 9.84
C TYR A 190 11.28 5.66 11.06
N ARG A 191 11.83 5.46 12.26
CA ARG A 191 11.33 6.20 13.41
C ARG A 191 11.46 7.69 13.17
N GLY A 192 12.60 8.14 12.65
CA GLY A 192 12.82 9.55 12.39
C GLY A 192 11.91 10.08 11.32
N ILE A 193 11.71 9.29 10.25
CA ILE A 193 10.84 9.68 9.14
C ILE A 193 9.42 9.97 9.66
N ILE A 194 8.90 9.11 10.53
CA ILE A 194 7.54 9.25 11.02
C ILE A 194 7.47 10.28 12.15
N GLN A 195 8.33 10.15 13.16
CA GLN A 195 8.22 11.01 14.33
C GLN A 195 8.37 12.48 13.96
N HIS A 196 9.26 12.73 13.00
CA HIS A 196 9.65 14.07 12.61
C HIS A 196 9.14 14.52 11.25
N ALA A 197 8.13 13.83 10.75
CA ALA A 197 7.57 14.12 9.43
C ALA A 197 7.02 15.54 9.43
N PRO A 198 7.43 16.33 8.45
CA PRO A 198 6.87 17.67 8.47
C PRO A 198 5.37 17.71 8.17
N ASN A 199 4.88 16.67 7.49
CA ASN A 199 3.44 16.50 7.23
C ASN A 199 2.76 15.47 8.14
N LEU A 200 3.30 15.27 9.33
CA LEU A 200 2.74 14.29 10.26
C LEU A 200 1.24 14.50 10.47
N GLU A 201 0.77 15.77 10.55
CA GLU A 201 -0.67 16.00 10.73
C GLU A 201 -1.48 15.44 9.58
N ASN A 202 -0.95 15.52 8.34
CA ASN A 202 -1.59 14.83 7.18
C ASN A 202 -1.55 13.34 7.33
N ILE A 203 -0.38 12.82 7.72
CA ILE A 203 -0.22 11.36 7.90
C ILE A 203 -1.29 10.82 8.86
N GLU A 204 -1.52 11.58 9.93
CA GLU A 204 -2.52 11.20 10.92
CA GLU A 204 -2.49 11.22 10.96
C GLU A 204 -3.93 11.09 10.37
N LEU A 205 -4.29 11.96 9.42
CA LEU A 205 -5.59 11.87 8.78
C LEU A 205 -5.71 10.62 7.91
N TYR A 206 -4.64 10.22 7.22
CA TYR A 206 -4.63 8.98 6.45
C TYR A 206 -4.72 7.76 7.40
N TRP A 207 -3.99 7.82 8.53
CA TRP A 207 -4.15 6.82 9.61
C TRP A 207 -5.59 6.67 10.06
N ASN A 208 -6.26 7.79 10.29
CA ASN A 208 -7.64 7.74 10.73
C ASN A 208 -8.51 7.10 9.67
N SER A 209 -8.32 7.48 8.41
CA SER A 209 -9.11 6.86 7.33
CA SER A 209 -9.04 6.88 7.29
C SER A 209 -8.86 5.36 7.26
N TYR A 210 -7.61 4.94 7.44
CA TYR A 210 -7.33 3.52 7.48
C TYR A 210 -8.09 2.87 8.64
N ASN A 211 -7.99 3.47 9.82
CA ASN A 211 -8.66 2.85 10.97
C ASN A 211 -10.20 2.79 10.84
N ASN A 212 -10.77 3.72 10.06
CA ASN A 212 -12.21 3.79 9.89
CA ASN A 212 -12.21 3.84 9.84
C ASN A 212 -12.72 3.05 8.64
N ARG A 213 -11.84 2.30 7.98
CA ARG A 213 -12.21 1.59 6.73
C ARG A 213 -13.36 0.62 6.96
N ARG A 214 -14.21 0.46 5.95
CA ARG A 214 -15.27 -0.54 6.00
C ARG A 214 -14.77 -1.90 5.52
N ASP A 215 -15.57 -2.93 5.80
CA ASP A 215 -15.20 -4.27 5.30
C ASP A 215 -15.00 -4.25 3.81
N LEU A 216 -13.92 -4.88 3.36
CA LEU A 216 -13.74 -5.18 1.94
C LEU A 216 -13.85 -6.68 1.79
N ASN A 217 -14.80 -7.13 1.02
CA ASN A 217 -15.10 -8.57 0.99
C ASN A 217 -14.35 -9.25 -0.14
N PHE A 218 -13.44 -10.15 0.23
CA PHE A 218 -12.78 -10.98 -0.78
C PHE A 218 -13.59 -12.22 -1.06
N GLU A 219 -14.63 -12.45 -0.27
CA GLU A 219 -15.61 -13.48 -0.61
C GLU A 219 -17.01 -12.98 -0.24
N ARG A 220 -18.00 -13.42 -1.02
CA ARG A 220 -19.38 -13.15 -0.69
C ARG A 220 -20.18 -14.40 -0.95
N GLY A 221 -21.06 -14.76 -0.02
CA GLY A 221 -21.77 -16.03 -0.12
C GLY A 221 -20.86 -17.21 -0.43
N GLY A 222 -19.65 -17.19 0.16
CA GLY A 222 -18.67 -18.27 0.02
C GLY A 222 -17.94 -18.38 -1.30
N GLU A 223 -18.13 -17.37 -2.17
CA GLU A 223 -17.48 -17.32 -3.47
C GLU A 223 -16.52 -16.15 -3.49
N THR A 224 -15.32 -16.35 -4.02
CA THR A 224 -14.34 -15.29 -4.12
CA THR A 224 -14.33 -15.27 -4.13
C THR A 224 -14.86 -14.16 -5.03
N THR A 225 -14.53 -12.91 -4.69
CA THR A 225 -14.99 -11.73 -5.42
C THR A 225 -13.94 -11.18 -6.37
N LEU A 226 -12.67 -11.42 -6.07
CA LEU A 226 -11.57 -10.96 -6.94
C LEU A 226 -11.29 -12.02 -7.97
N LYS A 227 -11.12 -11.60 -9.20
CA LYS A 227 -10.92 -12.54 -10.28
C LYS A 227 -9.52 -12.48 -10.91
N CYS A 228 -8.64 -11.63 -10.39
CA CYS A 228 -7.29 -11.55 -10.94
C CYS A 228 -6.28 -12.34 -10.10
N PRO A 229 -5.13 -12.64 -10.67
CA PRO A 229 -4.03 -13.17 -9.83
C PRO A 229 -3.65 -12.19 -8.72
N VAL A 230 -3.31 -12.75 -7.56
CA VAL A 230 -2.95 -12.04 -6.38
C VAL A 230 -1.75 -12.71 -5.74
N MET A 231 -0.77 -11.91 -5.36
CA MET A 231 0.34 -12.39 -4.55
C MET A 231 0.25 -11.68 -3.20
N LEU A 232 -0.05 -12.46 -2.16
CA LEU A 232 -0.12 -11.97 -0.77
C LEU A 232 1.25 -12.02 -0.15
N VAL A 233 1.62 -11.02 0.64
CA VAL A 233 2.90 -10.98 1.29
C VAL A 233 2.73 -10.48 2.72
N VAL A 234 3.35 -11.16 3.68
CA VAL A 234 3.38 -10.65 5.03
C VAL A 234 4.58 -11.28 5.73
N GLY A 235 5.07 -10.60 6.75
CA GLY A 235 6.08 -11.17 7.63
C GLY A 235 5.53 -12.10 8.68
N ASP A 236 6.25 -13.19 8.94
CA ASP A 236 5.91 -14.03 10.08
C ASP A 236 6.03 -13.22 11.37
N GLN A 237 5.03 -13.35 12.25
CA GLN A 237 5.00 -12.68 13.57
C GLN A 237 4.80 -11.17 13.47
N ALA A 238 4.53 -10.68 12.26
CA ALA A 238 4.36 -9.25 12.03
C ALA A 238 2.90 -8.84 12.31
N PRO A 239 2.66 -7.53 12.47
CA PRO A 239 1.33 -7.10 12.89
C PRO A 239 0.13 -7.58 12.09
N HIS A 240 0.30 -7.69 10.76
CA HIS A 240 -0.81 -8.07 9.89
C HIS A 240 -0.84 -9.53 9.45
N GLU A 241 -0.03 -10.38 10.09
CA GLU A 241 0.03 -11.77 9.67
C GLU A 241 -1.34 -12.44 9.67
N ASP A 242 -2.07 -12.34 10.77
CA ASP A 242 -3.36 -13.07 10.81
C ASP A 242 -4.31 -12.61 9.72
N ALA A 243 -4.34 -11.30 9.48
CA ALA A 243 -5.21 -10.75 8.40
C ALA A 243 -4.87 -11.32 7.01
N VAL A 244 -3.58 -11.37 6.68
CA VAL A 244 -3.15 -11.86 5.37
C VAL A 244 -3.41 -13.35 5.25
N VAL A 245 -3.11 -14.09 6.30
CA VAL A 245 -3.45 -15.52 6.39
C VAL A 245 -4.93 -15.74 6.13
N GLU A 246 -5.80 -14.96 6.78
CA GLU A 246 -7.24 -15.03 6.50
C GLU A 246 -7.61 -14.71 5.05
N CYS A 247 -7.00 -13.68 4.47
CA CYS A 247 -7.25 -13.36 3.05
C CYS A 247 -6.92 -14.55 2.17
N ASN A 248 -5.81 -15.21 2.47
CA ASN A 248 -5.38 -16.36 1.69
C ASN A 248 -6.45 -17.47 1.70
N SER A 249 -7.13 -17.63 2.82
CA SER A 249 -8.20 -18.63 2.92
C SER A 249 -9.46 -18.30 2.12
N LYS A 250 -9.62 -17.03 1.74
CA LYS A 250 -10.81 -16.56 1.02
C LYS A 250 -10.64 -16.37 -0.48
N LEU A 251 -9.40 -16.25 -0.95
CA LEU A 251 -9.13 -16.10 -2.36
C LEU A 251 -9.03 -17.44 -3.07
N ASP A 252 -9.08 -17.38 -4.40
CA ASP A 252 -9.08 -18.57 -5.22
C ASP A 252 -7.66 -19.09 -5.26
N PRO A 253 -7.44 -20.29 -4.72
CA PRO A 253 -6.08 -20.80 -4.61
C PRO A 253 -5.40 -21.03 -5.96
N THR A 254 -6.15 -21.19 -7.03
CA THR A 254 -5.53 -21.40 -8.34
C THR A 254 -4.96 -20.10 -8.89
N GLN A 255 -5.40 -18.96 -8.33
CA GLN A 255 -4.93 -17.64 -8.80
C GLN A 255 -4.14 -16.87 -7.74
N THR A 256 -3.76 -17.50 -6.64
CA THR A 256 -3.24 -16.78 -5.48
C THR A 256 -1.95 -17.44 -5.02
N SER A 257 -0.94 -16.64 -4.73
CA SER A 257 0.25 -17.10 -4.04
C SER A 257 0.41 -16.31 -2.75
N PHE A 258 1.10 -16.89 -1.78
CA PHE A 258 1.20 -16.31 -0.46
C PHE A 258 2.62 -16.53 0.03
N LEU A 259 3.37 -15.44 0.21
CA LEU A 259 4.67 -15.47 0.86
C LEU A 259 4.52 -15.01 2.26
N LYS A 260 4.69 -15.91 3.23
CA LYS A 260 4.81 -15.55 4.63
C LYS A 260 6.30 -15.61 4.93
N MET A 261 6.93 -14.45 5.10
CA MET A 261 8.37 -14.37 5.09
C MET A 261 8.90 -14.49 6.52
N ALA A 262 9.89 -15.38 6.71
CA ALA A 262 10.33 -15.80 8.05
C ALA A 262 10.99 -14.71 8.88
N ASP A 263 11.79 -13.89 8.19
CA ASP A 263 12.67 -12.92 8.83
C ASP A 263 12.52 -11.55 8.20
N SER A 264 11.30 -11.17 7.80
CA SER A 264 11.12 -9.92 7.08
C SER A 264 10.66 -8.80 8.00
N GLY A 265 9.98 -9.16 9.08
CA GLY A 265 9.34 -8.17 9.95
C GLY A 265 8.18 -7.50 9.24
N GLY A 266 7.82 -6.31 9.71
CA GLY A 266 6.62 -5.66 9.24
C GLY A 266 6.59 -5.07 7.85
N GLN A 267 7.76 -4.69 7.31
CA GLN A 267 7.85 -4.08 5.96
C GLN A 267 8.81 -4.90 5.08
N PRO A 268 8.32 -6.02 4.58
CA PRO A 268 9.14 -6.97 3.85
C PRO A 268 9.80 -6.37 2.63
N GLN A 269 9.16 -5.39 2.02
CA GLN A 269 9.71 -4.71 0.87
C GLN A 269 10.88 -3.82 1.22
N LEU A 270 11.07 -3.57 2.52
CA LEU A 270 12.21 -2.81 2.99
C LEU A 270 13.36 -3.74 3.44
N THR A 271 13.04 -4.92 3.96
CA THR A 271 14.05 -5.84 4.53
C THR A 271 14.48 -6.99 3.65
N GLN A 272 13.59 -7.47 2.79
CA GLN A 272 13.88 -8.67 2.00
C GLN A 272 13.60 -8.41 0.53
N PRO A 273 14.18 -7.35 -0.03
CA PRO A 273 13.94 -7.06 -1.43
C PRO A 273 14.45 -8.16 -2.36
N GLY A 274 15.51 -8.89 -2.00
CA GLY A 274 15.96 -9.99 -2.83
C GLY A 274 14.93 -11.07 -3.03
N LYS A 275 14.36 -11.55 -1.92
CA LYS A 275 13.32 -12.57 -1.98
C LYS A 275 12.08 -12.05 -2.66
N LEU A 276 11.71 -10.79 -2.41
CA LEU A 276 10.51 -10.25 -3.03
CA LEU A 276 10.51 -10.28 -3.05
C LEU A 276 10.71 -10.07 -4.55
N THR A 277 11.92 -9.75 -4.95
CA THR A 277 12.22 -9.58 -6.37
C THR A 277 11.98 -10.89 -7.11
N GLU A 278 12.42 -12.01 -6.56
CA GLU A 278 12.20 -13.29 -7.27
C GLU A 278 10.72 -13.64 -7.36
N ALA A 279 9.96 -13.29 -6.32
CA ALA A 279 8.51 -13.42 -6.31
C ALA A 279 7.88 -12.56 -7.40
N PHE A 280 8.28 -11.29 -7.47
CA PHE A 280 7.84 -10.37 -8.51
C PHE A 280 8.19 -10.93 -9.89
N LYS A 281 9.40 -11.48 -10.06
CA LYS A 281 9.75 -12.02 -11.38
C LYS A 281 8.71 -13.05 -11.84
N TYR A 282 8.40 -14.02 -10.97
CA TYR A 282 7.49 -15.08 -11.34
C TYR A 282 6.05 -14.63 -11.45
N PHE A 283 5.70 -13.56 -10.74
CA PHE A 283 4.37 -13.00 -10.90
C PHE A 283 4.21 -12.34 -12.26
N LEU A 284 5.28 -11.75 -12.79
CA LEU A 284 5.20 -10.96 -14.04
C LEU A 284 5.59 -11.76 -15.31
N GLN A 285 6.32 -12.85 -15.11
CA GLN A 285 6.83 -13.64 -16.21
C GLN A 285 5.67 -14.09 -17.08
N GLY A 286 5.96 -14.18 -18.37
CA GLY A 286 4.96 -14.58 -19.33
C GLY A 286 5.07 -16.07 -19.52
#